data_5ZHG
#
_entry.id   5ZHG
#
_cell.length_a   38.065
_cell.length_b   40.070
_cell.length_c   124.014
_cell.angle_alpha   90.000
_cell.angle_beta   90.000
_cell.angle_gamma   90.000
#
_symmetry.space_group_name_H-M   'P 21 21 21'
#
loop_
_entity.id
_entity.type
_entity.pdbx_description
1 polymer 'Outer capsid protein VP8*'
2 water water
#
_entity_poly.entity_id   1
_entity_poly.type   'polypeptide(L)'
_entity_poly.pdbx_seq_one_letter_code
;MEITGPHTNTVIEWSNLINTNTWLLYQKPLNSVRLLKHGPDTYNSNLAAFELWYGKSGTTITSVYYNTINNQNKTHDANS
DCLILFWNEGSTQLEKQVVTFNWNVGGILIKPINSSRMRICMSGMENFNNDSFNWENWNHEFPRSNPGININMYTEYFLA
SS
;
_entity_poly.pdbx_strand_id   A
#
# COMPACT_ATOMS: atom_id res chain seq x y z
N MET A 1 6.98 -10.07 19.09
CA MET A 1 6.29 -9.87 17.82
C MET A 1 5.29 -10.98 17.55
N GLU A 2 4.00 -10.64 17.61
CA GLU A 2 2.94 -11.56 17.25
C GLU A 2 2.75 -11.54 15.74
N ILE A 3 2.82 -12.70 15.09
CA ILE A 3 2.59 -12.82 13.65
C ILE A 3 1.46 -13.82 13.44
N THR A 4 0.35 -13.36 12.90
CA THR A 4 -0.82 -14.20 12.68
C THR A 4 -1.25 -14.15 11.22
N GLY A 5 -1.77 -15.27 10.73
CA GLY A 5 -2.27 -15.37 9.39
C GLY A 5 -2.27 -16.79 8.88
N PRO A 6 -2.81 -17.00 7.67
CA PRO A 6 -3.39 -15.95 6.82
C PRO A 6 -4.80 -15.54 7.24
N HIS A 7 -5.00 -14.24 7.44
CA HIS A 7 -6.33 -13.69 7.70
C HIS A 7 -7.10 -13.58 6.39
N THR A 8 -8.41 -13.82 6.45
CA THR A 8 -9.24 -13.75 5.25
C THR A 8 -10.37 -12.73 5.39
N ASN A 9 -10.37 -11.93 6.45
CA ASN A 9 -11.36 -10.86 6.60
C ASN A 9 -11.18 -9.81 5.50
N THR A 10 -12.31 -9.26 5.06
CA THR A 10 -12.28 -8.27 3.99
C THR A 10 -12.13 -6.84 4.46
N VAL A 11 -12.17 -6.59 5.77
CA VAL A 11 -12.08 -5.24 6.32
C VAL A 11 -11.22 -5.27 7.57
N ILE A 12 -10.26 -4.35 7.66
CA ILE A 12 -9.58 -4.05 8.92
C ILE A 12 -10.14 -2.73 9.44
N GLU A 13 -10.66 -2.75 10.67
CA GLU A 13 -11.21 -1.55 11.26
C GLU A 13 -10.10 -0.55 11.56
N TRP A 14 -10.34 0.71 11.20
CA TRP A 14 -9.38 1.78 11.50
C TRP A 14 -9.02 1.77 12.99
N SER A 15 -10.01 1.50 13.85
CA SER A 15 -9.78 1.54 15.29
C SER A 15 -8.77 0.49 15.75
N ASN A 16 -8.52 -0.54 14.95
CA ASN A 16 -7.54 -1.55 15.32
C ASN A 16 -6.12 -1.18 14.93
N LEU A 17 -5.93 -0.03 14.27
CA LEU A 17 -4.61 0.47 13.90
C LEU A 17 -4.14 1.58 14.82
N ILE A 18 -4.96 2.11 15.68
CA ILE A 18 -4.52 3.27 16.41
C ILE A 18 -3.65 3.13 17.63
N ASN A 19 -3.42 1.93 18.13
CA ASN A 19 -2.67 1.82 19.36
C ASN A 19 -1.26 1.29 19.22
N THR A 20 -0.92 0.64 18.11
CA THR A 20 0.43 0.09 17.98
C THR A 20 0.82 0.04 16.51
N ASN A 21 2.12 -0.16 16.28
CA ASN A 21 2.63 -0.34 14.92
C ASN A 21 2.13 -1.66 14.36
N THR A 22 1.68 -1.63 13.11
CA THR A 22 1.08 -2.80 12.48
C THR A 22 1.73 -3.08 11.14
N TRP A 23 2.28 -4.28 10.97
N TRP A 23 2.27 -4.27 10.96
CA TRP A 23 2.77 -4.74 9.68
CA TRP A 23 2.79 -4.72 9.68
C TRP A 23 1.68 -5.50 8.97
C TRP A 23 1.70 -5.52 8.95
N LEU A 24 1.44 -5.16 7.71
CA LEU A 24 0.53 -5.92 6.84
C LEU A 24 1.41 -6.64 5.83
N LEU A 25 1.44 -7.98 5.91
CA LEU A 25 2.45 -8.78 5.24
C LEU A 25 1.81 -9.78 4.30
N TYR A 26 2.51 -10.05 3.19
CA TYR A 26 1.98 -10.88 2.12
C TYR A 26 3.07 -11.84 1.65
N GLN A 27 2.72 -13.12 1.54
CA GLN A 27 3.55 -14.03 0.78
C GLN A 27 3.59 -13.53 -0.67
N LYS A 28 4.72 -13.74 -1.32
CA LYS A 28 4.89 -13.25 -2.68
C LYS A 28 3.83 -13.87 -3.59
N PRO A 29 2.94 -13.08 -4.19
CA PRO A 29 1.92 -13.65 -5.07
C PRO A 29 2.51 -14.14 -6.37
N LEU A 30 1.74 -14.99 -7.05
CA LEU A 30 2.18 -15.53 -8.33
C LEU A 30 1.86 -14.62 -9.51
N ASN A 31 0.99 -13.63 -9.32
CA ASN A 31 0.72 -12.65 -10.37
C ASN A 31 0.35 -11.33 -9.70
N SER A 32 0.35 -10.26 -10.49
CA SER A 32 -0.10 -8.97 -10.00
C SER A 32 -1.50 -9.08 -9.41
N VAL A 33 -1.71 -8.38 -8.30
CA VAL A 33 -2.97 -8.49 -7.57
C VAL A 33 -3.11 -7.28 -6.66
N ARG A 34 -4.34 -6.79 -6.52
CA ARG A 34 -4.60 -5.69 -5.59
C ARG A 34 -4.68 -6.23 -4.17
N LEU A 35 -3.96 -5.58 -3.25
CA LEU A 35 -3.87 -6.05 -1.88
C LEU A 35 -4.84 -5.35 -0.94
N LEU A 36 -4.86 -4.02 -0.95
CA LEU A 36 -5.72 -3.30 -0.01
C LEU A 36 -6.01 -1.90 -0.55
N LYS A 37 -6.97 -1.24 0.08
CA LYS A 37 -7.32 0.12 -0.27
C LYS A 37 -7.88 0.83 0.96
N HIS A 38 -7.53 2.12 1.10
CA HIS A 38 -8.16 3.00 2.07
C HIS A 38 -8.72 4.21 1.32
N GLY A 39 -10.04 4.35 1.31
CA GLY A 39 -10.67 5.44 0.62
C GLY A 39 -12.14 5.14 0.39
N PRO A 40 -12.88 6.13 -0.10
CA PRO A 40 -14.31 5.92 -0.35
C PRO A 40 -14.53 4.95 -1.50
N ASP A 41 -15.81 4.60 -1.70
CA ASP A 41 -16.13 3.64 -2.75
C ASP A 41 -15.79 4.19 -4.14
N THR A 42 -16.10 5.47 -4.37
CA THR A 42 -15.78 6.16 -5.61
C THR A 42 -14.71 7.20 -5.36
N TYR A 43 -13.85 7.41 -6.36
CA TYR A 43 -12.77 8.38 -6.23
C TYR A 43 -13.30 9.76 -5.85
N ASN A 44 -12.68 10.37 -4.84
CA ASN A 44 -13.04 11.70 -4.36
C ASN A 44 -11.74 12.49 -4.20
N SER A 45 -11.49 13.41 -5.11
CA SER A 45 -10.21 14.13 -5.14
C SER A 45 -10.01 15.00 -3.90
N ASN A 46 -11.05 15.29 -3.14
CA ASN A 46 -10.89 16.13 -1.97
C ASN A 46 -10.40 15.36 -0.75
N LEU A 47 -10.47 14.02 -0.78
CA LEU A 47 -10.08 13.18 0.34
C LEU A 47 -8.77 12.47 0.05
N ALA A 48 -8.00 12.20 1.11
CA ALA A 48 -6.79 11.41 0.98
C ALA A 48 -7.15 9.93 0.86
N ALA A 49 -6.30 9.18 0.16
CA ALA A 49 -6.59 7.77 -0.11
C ALA A 49 -5.31 7.08 -0.56
N PHE A 50 -5.33 5.75 -0.51
CA PHE A 50 -4.24 4.98 -1.08
C PHE A 50 -4.73 3.59 -1.45
N GLU A 51 -4.02 2.97 -2.40
CA GLU A 51 -4.37 1.64 -2.90
C GLU A 51 -3.09 0.88 -3.18
N LEU A 52 -2.94 -0.29 -2.55
CA LEU A 52 -1.69 -1.05 -2.58
C LEU A 52 -1.85 -2.28 -3.46
N TRP A 53 -0.90 -2.48 -4.38
CA TRP A 53 -0.86 -3.64 -5.26
C TRP A 53 0.46 -4.38 -5.09
N TYR A 54 0.43 -5.67 -5.42
CA TYR A 54 1.63 -6.39 -5.81
C TYR A 54 1.72 -6.38 -7.32
N GLY A 55 2.90 -6.07 -7.85
CA GLY A 55 3.11 -6.07 -9.29
C GLY A 55 4.17 -7.07 -9.72
N LYS A 56 3.82 -7.96 -10.63
CA LYS A 56 4.78 -8.91 -11.16
C LYS A 56 5.56 -8.26 -12.30
N SER A 57 6.87 -8.49 -12.31
CA SER A 57 7.73 -7.89 -13.33
C SER A 57 7.20 -8.22 -14.73
N GLY A 58 7.22 -7.20 -15.60
CA GLY A 58 6.77 -7.38 -16.96
C GLY A 58 5.28 -7.26 -17.17
N THR A 59 4.51 -6.90 -16.15
CA THR A 59 3.08 -6.72 -16.26
C THR A 59 2.70 -5.26 -16.04
N THR A 60 1.45 -4.94 -16.38
CA THR A 60 0.90 -3.61 -16.21
C THR A 60 -0.15 -3.63 -15.12
N ILE A 61 -0.01 -2.72 -14.16
CA ILE A 61 -0.91 -2.64 -13.01
C ILE A 61 -1.71 -1.35 -13.16
N THR A 62 -3.04 -1.47 -13.18
CA THR A 62 -3.93 -0.34 -13.37
C THR A 62 -4.75 -0.15 -12.10
N SER A 63 -4.65 1.03 -11.50
CA SER A 63 -5.38 1.28 -10.26
C SER A 63 -6.88 1.14 -10.49
N VAL A 64 -7.58 0.58 -9.51
CA VAL A 64 -9.03 0.52 -9.54
C VAL A 64 -9.64 1.80 -9.00
N TYR A 65 -9.26 2.16 -7.77
CA TYR A 65 -9.83 3.36 -7.14
C TYR A 65 -9.59 4.59 -8.00
N TYR A 66 -8.41 4.71 -8.60
CA TYR A 66 -8.06 5.88 -9.38
C TYR A 66 -8.40 5.76 -10.86
N ASN A 67 -9.21 4.77 -11.24
CA ASN A 67 -9.46 4.56 -12.67
C ASN A 67 -10.26 5.69 -13.30
N THR A 68 -10.95 6.51 -12.50
CA THR A 68 -11.68 7.64 -13.05
C THR A 68 -10.88 8.93 -13.00
N ILE A 69 -9.60 8.86 -12.64
CA ILE A 69 -8.73 10.02 -12.66
C ILE A 69 -8.07 10.11 -14.04
N ASN A 70 -7.56 11.30 -14.36
CA ASN A 70 -6.77 11.54 -15.56
C ASN A 70 -5.40 11.96 -15.09
N ASN A 71 -4.44 11.03 -15.15
CA ASN A 71 -3.12 11.27 -14.58
C ASN A 71 -2.18 10.17 -15.06
N GLN A 72 -0.95 10.55 -15.40
CA GLN A 72 0.03 9.57 -15.87
C GLN A 72 0.23 8.44 -14.87
N ASN A 73 0.06 8.71 -13.58
CA ASN A 73 0.41 7.76 -12.53
C ASN A 73 -0.70 6.77 -12.20
N LYS A 74 -1.77 6.70 -13.01
CA LYS A 74 -2.87 5.78 -12.73
C LYS A 74 -2.57 4.34 -13.17
N THR A 75 -1.46 4.11 -13.87
CA THR A 75 -0.98 2.78 -14.17
C THR A 75 0.50 2.69 -13.84
N HIS A 76 1.01 1.47 -13.75
CA HIS A 76 2.43 1.23 -13.59
C HIS A 76 2.85 0.02 -14.40
N ASP A 77 3.86 0.19 -15.24
CA ASP A 77 4.48 -0.93 -15.94
C ASP A 77 5.63 -1.42 -15.07
N ALA A 78 5.44 -2.59 -14.44
CA ALA A 78 6.42 -3.08 -13.48
C ALA A 78 7.64 -3.65 -14.20
N ASN A 79 8.82 -3.15 -13.83
CA ASN A 79 10.09 -3.70 -14.31
C ASN A 79 10.80 -4.55 -13.27
N SER A 80 10.14 -4.80 -12.14
CA SER A 80 10.59 -5.77 -11.16
C SER A 80 9.36 -6.27 -10.40
N ASP A 81 9.51 -7.40 -9.72
CA ASP A 81 8.49 -7.78 -8.75
C ASP A 81 8.47 -6.74 -7.64
N CYS A 82 7.30 -6.19 -7.35
CA CYS A 82 7.29 -4.97 -6.56
C CYS A 82 5.97 -4.79 -5.83
N LEU A 83 5.98 -3.88 -4.86
CA LEU A 83 4.78 -3.31 -4.28
C LEU A 83 4.57 -1.91 -4.85
N ILE A 84 3.32 -1.58 -5.16
CA ILE A 84 2.93 -0.31 -5.76
C ILE A 84 1.85 0.31 -4.91
N LEU A 85 2.12 1.50 -4.37
CA LEU A 85 1.11 2.26 -3.63
C LEU A 85 0.70 3.46 -4.47
N PHE A 86 -0.50 3.39 -5.06
CA PHE A 86 -1.14 4.58 -5.63
C PHE A 86 -1.70 5.41 -4.48
N TRP A 87 -1.39 6.70 -4.44
CA TRP A 87 -1.83 7.48 -3.30
C TRP A 87 -2.01 8.96 -3.68
N ASN A 88 -2.88 9.63 -2.92
CA ASN A 88 -3.08 11.06 -3.02
C ASN A 88 -3.28 11.61 -1.62
N GLU A 89 -2.75 12.82 -1.38
CA GLU A 89 -2.87 13.46 -0.08
C GLU A 89 -2.50 14.93 -0.26
N GLY A 90 -3.26 15.80 0.40
CA GLY A 90 -2.96 17.22 0.35
C GLY A 90 -3.03 17.74 -1.07
N SER A 91 -2.00 18.48 -1.47
CA SER A 91 -1.93 19.02 -2.82
C SER A 91 -1.44 18.01 -3.85
N THR A 92 -1.14 16.79 -3.44
CA THR A 92 -0.66 15.76 -4.35
C THR A 92 -1.84 15.07 -5.00
N GLN A 93 -1.99 15.22 -6.33
CA GLN A 93 -3.13 14.64 -7.03
C GLN A 93 -3.02 13.13 -7.13
N LEU A 94 -1.85 12.63 -7.52
CA LEU A 94 -1.61 11.19 -7.57
C LEU A 94 -0.13 10.87 -7.75
N GLU A 95 0.43 10.06 -6.85
CA GLU A 95 1.77 9.53 -7.03
C GLU A 95 1.72 8.02 -6.86
N LYS A 96 2.79 7.37 -7.25
CA LYS A 96 2.91 5.95 -7.01
C LYS A 96 4.24 5.71 -6.34
N GLN A 97 4.20 5.02 -5.23
CA GLN A 97 5.40 4.61 -4.53
C GLN A 97 5.65 3.15 -4.86
N VAL A 98 6.81 2.86 -5.43
CA VAL A 98 7.17 1.52 -5.87
C VAL A 98 8.41 1.09 -5.10
N VAL A 99 8.35 -0.09 -4.48
CA VAL A 99 9.53 -0.71 -3.88
C VAL A 99 9.63 -2.12 -4.40
N THR A 100 10.87 -2.58 -4.60
CA THR A 100 11.08 -3.92 -5.11
C THR A 100 10.82 -4.96 -4.03
N PHE A 101 10.20 -6.07 -4.43
CA PHE A 101 9.84 -7.19 -3.56
C PHE A 101 11.03 -8.15 -3.53
N ASN A 102 11.90 -7.99 -2.52
CA ASN A 102 13.19 -8.68 -2.51
C ASN A 102 13.14 -10.09 -1.91
N TRP A 103 12.12 -10.42 -1.13
CA TRP A 103 12.12 -11.70 -0.40
C TRP A 103 10.83 -12.46 -0.72
N ASN A 104 10.52 -13.46 0.09
CA ASN A 104 9.34 -14.28 -0.09
C ASN A 104 8.14 -13.73 0.67
N VAL A 105 8.34 -12.65 1.41
CA VAL A 105 7.27 -11.92 2.09
C VAL A 105 7.60 -10.43 1.97
N GLY A 106 6.55 -9.61 1.86
CA GLY A 106 6.71 -8.18 1.81
C GLY A 106 5.40 -7.53 2.21
N GLY A 107 5.45 -6.23 2.43
CA GLY A 107 4.22 -5.52 2.79
C GLY A 107 4.51 -4.10 3.22
N ILE A 108 3.61 -3.56 4.04
CA ILE A 108 3.72 -2.20 4.51
C ILE A 108 3.65 -2.17 6.03
N LEU A 109 4.20 -1.11 6.60
CA LEU A 109 4.17 -0.85 8.04
C LEU A 109 3.34 0.40 8.29
N ILE A 110 2.40 0.30 9.21
CA ILE A 110 1.49 1.40 9.55
C ILE A 110 1.81 1.84 10.96
N LYS A 111 2.26 3.10 11.10
CA LYS A 111 2.56 3.67 12.40
C LYS A 111 1.50 4.70 12.75
N PRO A 112 0.78 4.55 13.85
CA PRO A 112 -0.24 5.55 14.21
C PRO A 112 0.40 6.84 14.71
N ILE A 113 0.05 7.95 14.08
CA ILE A 113 0.50 9.26 14.53
C ILE A 113 -0.47 9.85 15.55
N ASN A 114 -1.76 9.62 15.34
CA ASN A 114 -2.79 9.83 16.36
C ASN A 114 -3.99 8.99 15.95
N SER A 115 -5.13 9.18 16.63
CA SER A 115 -6.28 8.33 16.34
C SER A 115 -6.84 8.54 14.94
N SER A 116 -6.41 9.59 14.22
CA SER A 116 -6.94 9.85 12.89
C SER A 116 -5.86 10.07 11.84
N ARG A 117 -4.62 9.68 12.12
CA ARG A 117 -3.52 9.82 11.18
C ARG A 117 -2.55 8.66 11.26
N MET A 118 -2.19 8.13 10.10
CA MET A 118 -1.28 7.00 10.02
C MET A 118 -0.09 7.35 9.14
N ARG A 119 1.08 6.84 9.50
CA ARG A 119 2.25 6.90 8.64
C ARG A 119 2.40 5.54 7.96
N ILE A 120 2.33 5.53 6.63
CA ILE A 120 2.52 4.34 5.82
C ILE A 120 3.98 4.27 5.41
N CYS A 121 4.62 3.12 5.65
CA CYS A 121 6.04 2.96 5.41
C CYS A 121 6.28 1.79 4.47
N MET A 122 7.17 2.00 3.49
CA MET A 122 7.52 0.99 2.51
C MET A 122 9.02 1.04 2.27
N SER A 123 9.61 -0.13 2.01
CA SER A 123 11.05 -0.20 1.79
C SER A 123 11.37 -1.37 0.88
N GLY A 124 12.50 -1.25 0.17
CA GLY A 124 12.99 -2.33 -0.67
C GLY A 124 14.27 -1.95 -1.40
N MET A 125 15.04 -2.96 -1.82
CA MET A 125 16.29 -2.73 -2.54
C MET A 125 16.01 -2.73 -4.03
N GLU A 126 16.45 -1.68 -4.72
CA GLU A 126 16.17 -1.54 -6.14
C GLU A 126 17.46 -1.22 -6.90
N ASN A 127 17.43 -1.45 -8.21
CA ASN A 127 18.49 -1.05 -9.10
C ASN A 127 17.98 -0.02 -10.10
N PHE A 128 18.86 0.86 -10.52
CA PHE A 128 18.56 1.85 -11.55
C PHE A 128 19.83 2.12 -12.33
N ASN A 129 19.69 2.61 -13.56
CA ASN A 129 20.85 2.89 -14.38
C ASN A 129 21.64 1.60 -14.61
N ASN A 130 20.96 0.47 -14.43
CA ASN A 130 21.56 -0.86 -14.60
C ASN A 130 22.24 -1.43 -13.36
N ASP A 131 23.41 -0.91 -13.04
CA ASP A 131 24.18 -1.39 -11.90
C ASP A 131 24.33 -0.34 -10.78
N SER A 132 23.40 0.59 -10.66
CA SER A 132 23.31 1.42 -9.46
C SER A 132 22.22 0.83 -8.57
N PHE A 133 22.44 0.89 -7.26
CA PHE A 133 21.52 0.30 -6.30
C PHE A 133 21.11 1.32 -5.24
N ASN A 134 19.91 1.15 -4.71
CA ASN A 134 19.34 2.06 -3.74
C ASN A 134 18.46 1.28 -2.78
N TRP A 135 18.63 1.52 -1.48
CA TRP A 135 17.66 1.05 -0.48
C TRP A 135 16.61 2.14 -0.34
N GLU A 136 15.47 1.93 -0.98
CA GLU A 136 14.37 2.88 -0.87
C GLU A 136 13.68 2.71 0.48
N ASN A 137 13.57 3.81 1.23
CA ASN A 137 12.95 3.78 2.56
C ASN A 137 12.02 4.98 2.64
N TRP A 138 10.72 4.72 2.43
CA TRP A 138 9.76 5.77 2.15
C TRP A 138 8.63 5.76 3.17
N ASN A 139 8.07 6.93 3.43
CA ASN A 139 6.86 7.01 4.24
C ASN A 139 6.09 8.26 3.88
N HIS A 140 4.79 8.22 4.17
CA HIS A 140 3.91 9.38 4.00
C HIS A 140 2.81 9.28 5.03
N GLU A 141 2.37 10.43 5.53
CA GLU A 141 1.31 10.50 6.53
C GLU A 141 -0.03 10.74 5.86
N PHE A 142 -1.03 9.96 6.26
CA PHE A 142 -2.38 10.08 5.73
C PHE A 142 -3.36 10.29 6.87
N PRO A 143 -4.22 11.29 6.81
CA PRO A 143 -5.39 11.31 7.70
C PRO A 143 -6.35 10.23 7.26
N ARG A 144 -7.20 9.81 8.19
CA ARG A 144 -8.30 8.95 7.81
C ARG A 144 -9.12 9.62 6.71
N SER A 145 -9.43 8.86 5.65
CA SER A 145 -10.00 9.45 4.45
C SER A 145 -11.30 10.19 4.75
N ASN A 146 -12.14 9.60 5.59
CA ASN A 146 -13.38 10.21 6.05
C ASN A 146 -13.88 9.41 7.24
N PRO A 147 -14.85 9.92 7.99
CA PRO A 147 -15.39 9.14 9.10
C PRO A 147 -15.92 7.80 8.61
N GLY A 148 -15.64 6.75 9.39
CA GLY A 148 -16.13 5.43 9.11
C GLY A 148 -15.41 4.65 8.04
N ILE A 149 -14.42 5.24 7.36
CA ILE A 149 -13.72 4.54 6.28
C ILE A 149 -12.59 3.72 6.88
N ASN A 150 -12.57 2.42 6.57
CA ASN A 150 -11.61 1.47 7.10
C ASN A 150 -10.65 1.04 5.99
N ILE A 151 -10.06 -0.14 6.12
CA ILE A 151 -9.13 -0.66 5.12
C ILE A 151 -9.77 -1.88 4.47
N ASN A 152 -10.01 -1.78 3.15
CA ASN A 152 -10.49 -2.92 2.39
C ASN A 152 -9.34 -3.88 2.11
N MET A 153 -9.52 -5.15 2.45
CA MET A 153 -8.50 -6.17 2.24
C MET A 153 -8.99 -7.11 1.15
N TYR A 154 -8.22 -7.23 0.06
CA TYR A 154 -8.67 -7.97 -1.10
C TYR A 154 -8.01 -9.33 -1.27
N THR A 155 -6.94 -9.60 -0.53
CA THR A 155 -6.29 -10.90 -0.54
C THR A 155 -5.95 -11.27 0.89
N GLU A 156 -5.73 -12.56 1.12
CA GLU A 156 -5.32 -13.01 2.45
C GLU A 156 -4.01 -12.35 2.85
N TYR A 157 -3.86 -12.10 4.14
CA TYR A 157 -2.74 -11.31 4.62
C TYR A 157 -2.29 -11.82 5.97
N PHE A 158 -1.06 -11.47 6.33
CA PHE A 158 -0.52 -11.73 7.65
C PHE A 158 -0.42 -10.42 8.42
N LEU A 159 -0.57 -10.53 9.74
CA LEU A 159 -0.61 -9.40 10.65
C LEU A 159 0.53 -9.54 11.65
N ALA A 160 1.36 -8.52 11.78
CA ALA A 160 2.46 -8.51 12.73
C ALA A 160 2.38 -7.26 13.59
N SER A 161 2.42 -7.45 14.91
CA SER A 161 2.43 -6.34 15.85
C SER A 161 3.10 -6.80 17.14
N SER A 162 3.19 -5.88 18.10
CA SER A 162 3.78 -6.21 19.39
C SER A 162 2.71 -6.28 20.49
#